data_6QHL
#
_entry.id   6QHL
#
_cell.length_a   82.340
_cell.length_b   112.390
_cell.length_c   62.610
_cell.angle_alpha   90.00
_cell.angle_beta   90.00
_cell.angle_gamma   90.00
#
_symmetry.space_group_name_H-M   'C 2 2 21'
#
loop_
_entity.id
_entity.type
_entity.pdbx_description
1 polymer '14-3-3 protein sigma'
2 polymer 'Transcription factor p65'
3 non-polymer GLYCEROL
4 water water
#
loop_
_entity_poly.entity_id
_entity_poly.type
_entity_poly.pdbx_seq_one_letter_code
_entity_poly.pdbx_strand_id
1 'polypeptide(L)'
;GAMGSMERASLIQKAKLAEQAERYEDMAAFMKGAVEKGEELSCEERNLLSVAYKNVVGGQRAAWRVLSSIEQKSNEEGSE
EKGPEVREYREKVETELQGVCDTVLGLLDSHLIKEAGDAESRVFYLKMKGDYYRYLAEVATGDDKKRIIDSARSAYQEAM
DISKKEMPPTNPIRLGLALNFSVFHYEIANSPEEAISLAKTTFDEAMADLHTLSEDSYKDSTLIMQLLRDNLTLWTADNA
GEEGGEAPQEPQS
;
A
2 'polypeptide(L)' AEGRSAG(SEP)IPGRRS P
#
# COMPACT_ATOMS: atom_id res chain seq x y z
N GLY A 1 18.65 9.23 -14.73
CA GLY A 1 18.59 8.15 -13.71
C GLY A 1 19.55 7.03 -14.09
N ALA A 2 20.01 6.27 -13.09
CA ALA A 2 21.01 5.24 -13.30
C ALA A 2 20.51 4.11 -14.16
N MET A 3 19.17 3.94 -14.30
CA MET A 3 18.62 2.92 -15.17
C MET A 3 18.30 3.44 -16.56
N GLY A 4 18.61 4.70 -16.87
CA GLY A 4 18.26 5.26 -18.14
C GLY A 4 18.88 4.58 -19.33
N SER A 5 20.05 3.94 -19.16
CA SER A 5 20.70 3.25 -20.26
C SER A 5 20.26 1.81 -20.44
N MET A 6 19.43 1.27 -19.55
CA MET A 6 19.05 -0.13 -19.65
C MET A 6 17.70 -0.26 -20.35
N GLU A 7 17.58 -1.25 -21.24
CA GLU A 7 16.32 -1.51 -21.93
C GLU A 7 15.18 -1.75 -20.94
N ARG A 8 13.99 -1.28 -21.30
CA ARG A 8 12.78 -1.57 -20.52
C ARG A 8 12.64 -3.07 -20.24
N ALA A 9 12.77 -3.90 -21.27
CA ALA A 9 12.53 -5.32 -21.06
C ALA A 9 13.57 -5.92 -20.13
N SER A 10 14.82 -5.45 -20.23
CA SER A 10 15.88 -5.91 -19.33
C SER A 10 15.64 -5.51 -17.89
N LEU A 11 15.10 -4.31 -17.67
CA LEU A 11 14.73 -3.89 -16.32
C LEU A 11 13.67 -4.79 -15.73
N ILE A 12 12.62 -5.08 -16.51
N ILE A 12 12.66 -5.15 -16.52
CA ILE A 12 11.57 -6.02 -16.09
CA ILE A 12 11.61 -6.00 -15.98
C ILE A 12 12.16 -7.38 -15.75
C ILE A 12 12.13 -7.42 -15.74
N GLN A 13 12.97 -7.92 -16.66
CA GLN A 13 13.59 -9.21 -16.44
C GLN A 13 14.41 -9.22 -15.16
N LYS A 14 15.19 -8.18 -14.93
CA LYS A 14 16.00 -8.12 -13.72
C LYS A 14 15.17 -7.89 -12.47
N ALA A 15 14.05 -7.17 -12.57
CA ALA A 15 13.16 -7.06 -11.42
C ALA A 15 12.67 -8.43 -11.00
N LYS A 16 12.36 -9.31 -11.95
CA LYS A 16 11.90 -10.65 -11.62
C LYS A 16 13.03 -11.47 -11.00
N LEU A 17 14.26 -11.32 -11.49
CA LEU A 17 15.39 -11.99 -10.87
C LEU A 17 15.63 -11.47 -9.45
N ALA A 18 15.54 -10.16 -9.27
CA ALA A 18 15.74 -9.57 -7.96
C ALA A 18 14.71 -10.08 -6.97
N GLU A 19 13.47 -10.25 -7.39
CA GLU A 19 12.48 -10.84 -6.51
C GLU A 19 12.90 -12.24 -6.09
N GLN A 20 13.31 -13.08 -7.04
CA GLN A 20 13.75 -14.44 -6.74
C GLN A 20 14.91 -14.43 -5.75
N ALA A 21 15.79 -13.46 -5.85
CA ALA A 21 16.97 -13.35 -5.00
C ALA A 21 16.70 -12.59 -3.70
N GLU A 22 15.45 -12.18 -3.49
CA GLU A 22 15.08 -11.39 -2.32
C GLU A 22 15.90 -10.11 -2.19
N ARG A 23 16.14 -9.47 -3.34
CA ARG A 23 16.88 -8.22 -3.43
C ARG A 23 15.87 -7.13 -3.74
N TYR A 24 15.10 -6.71 -2.74
CA TYR A 24 13.95 -5.85 -3.03
C TYR A 24 14.31 -4.40 -3.31
N GLU A 25 15.40 -3.91 -2.74
CA GLU A 25 15.86 -2.59 -3.12
C GLU A 25 16.25 -2.57 -4.60
N ASP A 26 16.99 -3.58 -5.05
CA ASP A 26 17.29 -3.67 -6.48
C ASP A 26 16.01 -3.76 -7.28
N MET A 27 15.08 -4.60 -6.85
CA MET A 27 13.83 -4.77 -7.58
C MET A 27 13.12 -3.45 -7.76
N ALA A 28 13.05 -2.66 -6.70
CA ALA A 28 12.40 -1.37 -6.76
C ALA A 28 13.13 -0.43 -7.71
N ALA A 29 14.46 -0.40 -7.66
CA ALA A 29 15.20 0.45 -8.57
C ALA A 29 14.97 0.06 -10.02
N PHE A 30 14.92 -1.23 -10.30
CA PHE A 30 14.67 -1.68 -11.67
C PHE A 30 13.28 -1.27 -12.10
N MET A 31 12.28 -1.44 -11.24
CA MET A 31 10.91 -1.07 -11.61
C MET A 31 10.74 0.44 -11.74
N LYS A 32 11.40 1.23 -10.89
CA LYS A 32 11.39 2.67 -11.08
C LYS A 32 11.96 3.04 -12.44
N GLY A 33 13.06 2.40 -12.83
CA GLY A 33 13.62 2.61 -14.14
C GLY A 33 12.65 2.25 -15.24
N ALA A 34 11.94 1.15 -15.09
CA ALA A 34 10.94 0.76 -16.08
C ALA A 34 9.82 1.79 -16.18
N VAL A 35 9.30 2.25 -15.05
CA VAL A 35 8.26 3.27 -15.09
C VAL A 35 8.77 4.50 -15.83
N GLU A 36 9.99 4.91 -15.55
CA GLU A 36 10.52 6.13 -16.12
C GLU A 36 10.76 6.04 -17.62
N LYS A 37 10.66 4.86 -18.22
CA LYS A 37 10.66 4.79 -19.67
C LYS A 37 9.47 5.49 -20.28
N GLY A 38 8.39 5.68 -19.53
CA GLY A 38 7.29 6.50 -19.97
C GLY A 38 6.12 5.75 -20.53
N GLU A 39 6.27 4.47 -20.80
N GLU A 39 6.26 4.46 -20.76
CA GLU A 39 5.15 3.67 -21.26
CA GLU A 39 5.18 3.64 -21.26
C GLU A 39 4.28 3.25 -20.08
C GLU A 39 4.31 3.16 -20.10
N GLU A 40 3.02 2.98 -20.35
CA GLU A 40 2.13 2.39 -19.36
C GLU A 40 2.63 0.99 -18.96
N LEU A 41 2.20 0.52 -17.79
CA LEU A 41 2.57 -0.78 -17.26
C LEU A 41 1.46 -1.78 -17.45
N SER A 42 1.82 -2.98 -17.83
CA SER A 42 0.87 -4.08 -17.86
C SER A 42 0.47 -4.48 -16.45
N CYS A 43 -0.52 -5.36 -16.35
CA CYS A 43 -0.95 -5.85 -15.05
C CYS A 43 0.21 -6.49 -14.28
N GLU A 44 0.96 -7.36 -14.94
CA GLU A 44 2.07 -8.02 -14.27
C GLU A 44 3.11 -7.00 -13.84
N GLU A 45 3.38 -6.02 -14.68
CA GLU A 45 4.40 -5.02 -14.35
C GLU A 45 3.95 -4.15 -13.18
N ARG A 46 2.66 -3.78 -13.13
CA ARG A 46 2.14 -3.04 -11.96
C ARG A 46 2.36 -3.83 -10.69
N ASN A 47 2.11 -5.13 -10.74
CA ASN A 47 2.31 -5.96 -9.57
C ASN A 47 3.77 -6.06 -9.18
N LEU A 48 4.71 -6.11 -10.14
CA LEU A 48 6.12 -6.09 -9.78
C LEU A 48 6.51 -4.79 -9.10
N LEU A 49 6.00 -3.67 -9.61
CA LEU A 49 6.28 -2.37 -8.99
C LEU A 49 5.82 -2.35 -7.54
N SER A 50 4.60 -2.81 -7.32
CA SER A 50 4.03 -2.82 -5.99
C SER A 50 4.75 -3.76 -5.04
N VAL A 51 5.06 -4.98 -5.49
CA VAL A 51 5.76 -5.92 -4.62
C VAL A 51 7.12 -5.34 -4.20
N ALA A 52 7.83 -4.74 -5.14
CA ALA A 52 9.17 -4.24 -4.84
C ALA A 52 9.11 -3.19 -3.74
N TYR A 53 8.29 -2.16 -3.94
CA TYR A 53 8.23 -1.08 -2.96
C TYR A 53 7.55 -1.51 -1.67
N LYS A 54 6.61 -2.44 -1.73
CA LYS A 54 5.99 -2.93 -0.51
C LYS A 54 7.02 -3.60 0.39
N ASN A 55 7.94 -4.37 -0.18
CA ASN A 55 8.99 -4.99 0.60
C ASN A 55 9.95 -3.95 1.14
N VAL A 56 10.36 -2.98 0.33
CA VAL A 56 11.28 -1.95 0.82
C VAL A 56 10.65 -1.19 1.97
N VAL A 57 9.46 -0.64 1.77
CA VAL A 57 8.85 0.16 2.83
CA VAL A 57 8.84 0.14 2.83
C VAL A 57 8.48 -0.73 4.00
N GLY A 58 8.20 -2.01 3.78
CA GLY A 58 7.90 -2.89 4.89
C GLY A 58 9.06 -3.04 5.85
N GLY A 59 10.27 -3.15 5.33
CA GLY A 59 11.42 -3.22 6.21
C GLY A 59 11.60 -1.94 6.98
N GLN A 60 11.36 -0.81 6.33
CA GLN A 60 11.52 0.48 6.99
C GLN A 60 10.47 0.69 8.07
N ARG A 61 9.22 0.33 7.78
CA ARG A 61 8.14 0.46 8.75
C ARG A 61 8.42 -0.40 9.96
N ALA A 62 8.87 -1.64 9.75
CA ALA A 62 9.15 -2.50 10.89
C ALA A 62 10.27 -1.93 11.74
N ALA A 63 11.30 -1.38 11.10
CA ALA A 63 12.41 -0.79 11.83
C ALA A 63 11.95 0.43 12.59
N TRP A 64 11.16 1.27 11.93
CA TRP A 64 10.64 2.49 12.57
C TRP A 64 9.82 2.14 13.82
N ARG A 65 9.00 1.10 13.75
CA ARG A 65 8.19 0.75 14.91
C ARG A 65 9.06 0.26 16.05
N VAL A 66 10.11 -0.50 15.76
CA VAL A 66 11.02 -0.93 16.83
C VAL A 66 11.64 0.28 17.49
N LEU A 67 12.16 1.20 16.69
CA LEU A 67 12.87 2.36 17.22
C LEU A 67 11.93 3.29 17.96
N SER A 68 10.73 3.51 17.41
CA SER A 68 9.74 4.36 18.06
CA SER A 68 9.74 4.35 18.07
C SER A 68 9.35 3.80 19.43
N SER A 69 9.24 2.49 19.54
CA SER A 69 8.90 1.87 20.82
C SER A 69 10.00 2.09 21.84
N ILE A 70 11.26 1.94 21.43
CA ILE A 70 12.38 2.20 22.32
C ILE A 70 12.37 3.66 22.74
N GLU A 71 12.11 4.56 21.80
CA GLU A 71 12.09 5.99 22.09
C GLU A 71 10.98 6.31 23.09
N GLN A 72 9.80 5.72 22.91
CA GLN A 72 8.71 5.98 23.84
C GLN A 72 9.04 5.48 25.23
N LYS A 73 9.64 4.30 25.35
CA LYS A 73 10.05 3.79 26.65
C LYS A 73 11.06 4.72 27.31
N SER A 74 11.98 5.28 26.52
CA SER A 74 13.00 6.17 27.09
C SER A 74 12.39 7.43 27.69
N ASN A 75 11.19 7.83 27.25
CA ASN A 75 10.53 9.03 27.73
C ASN A 75 9.53 8.72 28.85
N GLU A 76 9.63 7.55 29.46
CA GLU A 76 8.77 7.19 30.59
C GLU A 76 9.40 7.63 31.90
N GLU A 77 8.58 7.68 32.94
CA GLU A 77 9.06 8.08 34.26
C GLU A 77 10.03 7.03 34.79
N GLY A 78 11.24 7.47 35.13
CA GLY A 78 12.26 6.60 35.67
C GLY A 78 13.25 6.07 34.66
N SER A 79 13.25 6.32 33.61
CA SER A 79 14.12 5.86 32.53
C SER A 79 15.37 6.73 32.47
N GLU A 80 16.51 6.11 32.56
CA GLU A 80 17.83 6.76 32.51
C GLU A 80 17.96 7.53 31.19
N GLU A 81 18.39 8.79 31.25
CA GLU A 81 18.72 9.58 30.07
C GLU A 81 19.88 8.94 29.31
N LYS A 82 19.70 8.73 28.02
CA LYS A 82 20.70 8.05 27.20
C LYS A 82 21.20 8.91 26.04
N GLY A 83 20.82 10.18 25.99
CA GLY A 83 21.28 11.07 24.95
C GLY A 83 20.36 11.07 23.75
N PRO A 84 20.81 11.75 22.68
CA PRO A 84 19.97 11.97 21.52
C PRO A 84 19.96 10.80 20.54
N GLU A 85 20.69 9.72 20.77
CA GLU A 85 20.94 8.74 19.73
C GLU A 85 19.67 8.01 19.28
N VAL A 86 18.80 7.61 20.19
CA VAL A 86 17.59 6.88 19.78
C VAL A 86 16.74 7.75 18.87
N ARG A 87 16.51 9.00 19.29
CA ARG A 87 15.74 9.92 18.45
C ARG A 87 16.43 10.12 17.11
N GLU A 88 17.74 10.34 17.11
CA GLU A 88 18.44 10.57 15.85
C GLU A 88 18.27 9.39 14.92
N TYR A 89 18.42 8.18 15.43
CA TYR A 89 18.37 7.03 14.55
C TYR A 89 16.94 6.75 14.09
N ARG A 90 15.95 6.92 14.97
CA ARG A 90 14.55 6.85 14.54
C ARG A 90 14.29 7.88 13.45
N GLU A 91 14.79 9.10 13.59
CA GLU A 91 14.63 10.13 12.57
C GLU A 91 15.29 9.73 11.28
N LYS A 92 16.46 9.10 11.34
CA LYS A 92 17.13 8.66 10.13
C LYS A 92 16.26 7.67 9.37
N VAL A 93 15.80 6.64 10.06
CA VAL A 93 14.95 5.64 9.41
C VAL A 93 13.67 6.30 8.90
N GLU A 94 13.07 7.19 9.68
CA GLU A 94 11.85 7.88 9.28
C GLU A 94 12.06 8.67 8.00
N THR A 95 13.16 9.40 7.90
CA THR A 95 13.43 10.19 6.71
C THR A 95 13.59 9.30 5.50
N GLU A 96 14.27 8.18 5.66
CA GLU A 96 14.43 7.25 4.54
CA GLU A 96 14.43 7.25 4.54
C GLU A 96 13.09 6.68 4.10
N LEU A 97 12.27 6.32 5.07
CA LEU A 97 10.90 5.79 4.78
C LEU A 97 10.09 6.87 4.04
N GLN A 98 10.14 8.11 4.50
CA GLN A 98 9.43 9.18 3.82
C GLN A 98 9.94 9.37 2.41
N GLY A 99 11.24 9.23 2.22
CA GLY A 99 11.82 9.33 0.88
C GLY A 99 11.31 8.27 -0.06
N VAL A 100 11.20 7.03 0.40
CA VAL A 100 10.64 5.97 -0.42
C VAL A 100 9.17 6.27 -0.75
N CYS A 101 8.38 6.69 0.24
CA CYS A 101 6.99 7.02 -0.04
C CYS A 101 6.89 8.14 -1.05
N ASP A 102 7.71 9.19 -0.90
CA ASP A 102 7.71 10.29 -1.84
C ASP A 102 8.08 9.82 -3.24
N THR A 103 9.02 8.89 -3.33
CA THR A 103 9.41 8.36 -4.64
C THR A 103 8.23 7.64 -5.30
N VAL A 104 7.55 6.79 -4.55
CA VAL A 104 6.40 6.07 -5.12
C VAL A 104 5.32 7.05 -5.54
N LEU A 105 4.99 7.99 -4.66
CA LEU A 105 3.98 8.97 -4.97
C LEU A 105 4.38 9.77 -6.19
N GLY A 106 5.66 10.06 -6.34
CA GLY A 106 6.14 10.79 -7.50
C GLY A 106 5.97 10.02 -8.79
N LEU A 107 6.21 8.71 -8.78
CA LEU A 107 5.95 7.90 -9.95
C LEU A 107 4.48 7.89 -10.31
N LEU A 108 3.62 7.78 -9.30
CA LEU A 108 2.19 7.79 -9.53
C LEU A 108 1.75 9.12 -10.14
N ASP A 109 2.31 10.23 -9.67
CA ASP A 109 1.94 11.53 -10.17
C ASP A 109 2.60 11.89 -11.48
N SER A 110 3.68 11.25 -11.82
CA SER A 110 4.47 11.59 -13.03
C SER A 110 4.92 10.29 -13.69
N HIS A 111 4.06 9.61 -14.43
CA HIS A 111 2.70 10.04 -14.84
C HIS A 111 1.74 8.86 -14.88
N LEU A 112 1.89 7.92 -13.95
CA LEU A 112 1.14 6.68 -14.05
C LEU A 112 -0.35 6.90 -13.94
N ILE A 113 -0.79 7.68 -12.95
CA ILE A 113 -2.24 7.81 -12.76
C ILE A 113 -2.89 8.52 -13.93
N LYS A 114 -2.30 9.59 -14.43
CA LYS A 114 -2.99 10.37 -15.45
C LYS A 114 -3.13 9.60 -16.74
N GLU A 115 -2.29 8.61 -17.00
CA GLU A 115 -2.43 7.80 -18.20
C GLU A 115 -3.27 6.55 -17.98
N ALA A 116 -3.70 6.26 -16.77
CA ALA A 116 -4.43 5.04 -16.46
C ALA A 116 -5.93 5.25 -16.63
N GLY A 117 -6.47 4.66 -17.68
CA GLY A 117 -7.88 4.81 -18.01
C GLY A 117 -8.72 3.59 -17.68
N ASP A 118 -8.16 2.40 -17.75
CA ASP A 118 -8.95 1.24 -17.45
C ASP A 118 -9.14 1.12 -15.95
N ALA A 119 -10.26 0.55 -15.52
CA ALA A 119 -10.50 0.47 -14.08
C ALA A 119 -9.41 -0.31 -13.37
N GLU A 120 -8.92 -1.38 -13.95
CA GLU A 120 -7.96 -2.20 -13.25
C GLU A 120 -6.65 -1.46 -13.01
N SER A 121 -6.23 -0.62 -13.94
N SER A 121 -6.23 -0.62 -13.95
CA SER A 121 -5.00 0.13 -13.71
CA SER A 121 -5.00 0.15 -13.75
C SER A 121 -5.26 1.33 -12.80
C SER A 121 -5.25 1.33 -12.83
N ARG A 122 -6.33 2.07 -13.07
CA ARG A 122 -6.58 3.28 -12.32
C ARG A 122 -6.85 3.01 -10.85
N VAL A 123 -7.68 2.00 -10.56
CA VAL A 123 -7.95 1.63 -9.18
C VAL A 123 -6.67 1.17 -8.49
N PHE A 124 -5.89 0.34 -9.18
CA PHE A 124 -4.62 -0.14 -8.62
C PHE A 124 -3.74 1.03 -8.20
N TYR A 125 -3.57 2.01 -9.08
CA TYR A 125 -2.67 3.12 -8.77
C TYR A 125 -3.22 4.04 -7.69
N LEU A 126 -4.52 4.30 -7.71
CA LEU A 126 -5.13 5.13 -6.67
C LEU A 126 -5.07 4.45 -5.33
N LYS A 127 -5.29 3.14 -5.27
CA LYS A 127 -5.07 2.38 -4.04
C LYS A 127 -3.63 2.57 -3.57
N MET A 128 -2.66 2.42 -4.47
CA MET A 128 -1.27 2.59 -4.07
CA MET A 128 -1.26 2.60 -4.09
C MET A 128 -1.03 4.00 -3.53
N LYS A 129 -1.61 5.00 -4.15
CA LYS A 129 -1.47 6.36 -3.65
C LYS A 129 -2.01 6.46 -2.22
N GLY A 130 -3.19 5.88 -1.97
CA GLY A 130 -3.72 5.86 -0.62
C GLY A 130 -2.79 5.15 0.35
N ASP A 131 -2.25 4.01 -0.07
CA ASP A 131 -1.37 3.23 0.79
C ASP A 131 -0.13 4.02 1.19
N TYR A 132 0.51 4.70 0.22
CA TYR A 132 1.78 5.36 0.55
C TYR A 132 1.54 6.66 1.32
N TYR A 133 0.41 7.35 1.09
CA TYR A 133 0.04 8.41 2.04
C TYR A 133 -0.27 7.85 3.41
N ARG A 134 -0.86 6.66 3.49
CA ARG A 134 -1.10 6.04 4.78
C ARG A 134 0.21 5.75 5.51
N TYR A 135 1.22 5.24 4.79
CA TYR A 135 2.52 5.00 5.43
C TYR A 135 3.15 6.32 5.90
N LEU A 136 2.99 7.39 5.14
CA LEU A 136 3.43 8.70 5.62
C LEU A 136 2.65 9.12 6.85
N ALA A 137 1.34 8.85 6.91
CA ALA A 137 0.52 9.21 8.06
C ALA A 137 0.94 8.45 9.30
N GLU A 138 1.42 7.22 9.16
CA GLU A 138 1.84 6.43 10.31
C GLU A 138 2.95 7.13 11.10
N VAL A 139 3.79 7.92 10.44
CA VAL A 139 4.93 8.56 11.10
C VAL A 139 4.78 10.05 11.24
N ALA A 140 3.67 10.62 10.77
CA ALA A 140 3.44 12.05 10.83
C ALA A 140 2.99 12.49 12.21
N THR A 141 3.49 13.64 12.63
CA THR A 141 3.20 14.20 13.95
C THR A 141 3.09 15.72 13.91
N GLY A 142 3.31 16.36 12.77
CA GLY A 142 3.40 17.81 12.69
C GLY A 142 2.15 18.45 12.09
N ASP A 143 2.34 19.66 11.56
CA ASP A 143 1.22 20.49 11.11
C ASP A 143 0.60 19.99 9.81
N ASP A 144 1.24 19.05 9.11
CA ASP A 144 0.69 18.53 7.87
C ASP A 144 0.02 17.17 8.05
N LYS A 145 -0.02 16.63 9.28
CA LYS A 145 -0.58 15.30 9.49
C LYS A 145 -2.03 15.20 8.99
N LYS A 146 -2.85 16.21 9.31
CA LYS A 146 -4.22 16.20 8.82
C LYS A 146 -4.27 16.18 7.31
N ARG A 147 -3.43 16.98 6.63
CA ARG A 147 -3.45 16.97 5.18
C ARG A 147 -2.97 15.64 4.64
N ILE A 148 -1.99 14.99 5.28
CA ILE A 148 -1.52 13.68 4.79
C ILE A 148 -2.64 12.66 4.91
N ILE A 149 -3.33 12.65 6.05
CA ILE A 149 -4.46 11.76 6.25
C ILE A 149 -5.52 12.03 5.21
N ASP A 150 -5.80 13.30 4.92
CA ASP A 150 -6.83 13.60 3.95
CA ASP A 150 -6.83 13.61 3.95
C ASP A 150 -6.43 13.18 2.54
N SER A 151 -5.14 13.28 2.22
CA SER A 151 -4.66 12.82 0.93
C SER A 151 -4.85 11.31 0.77
N ALA A 152 -4.55 10.54 1.82
CA ALA A 152 -4.80 9.10 1.76
C ALA A 152 -6.27 8.82 1.56
N ARG A 153 -7.11 9.48 2.37
CA ARG A 153 -8.56 9.29 2.28
CA ARG A 153 -8.56 9.29 2.28
C ARG A 153 -9.07 9.58 0.87
N SER A 154 -8.63 10.70 0.30
CA SER A 154 -9.14 11.11 -1.01
C SER A 154 -8.76 10.12 -2.09
N ALA A 155 -7.53 9.63 -2.06
CA ALA A 155 -7.10 8.65 -3.05
C ALA A 155 -7.90 7.36 -2.91
N TYR A 156 -8.03 6.86 -1.68
CA TYR A 156 -8.83 5.65 -1.45
C TYR A 156 -10.26 5.85 -1.90
N GLN A 157 -10.83 7.03 -1.63
CA GLN A 157 -12.24 7.26 -1.98
C GLN A 157 -12.43 7.28 -3.48
N GLU A 158 -11.54 7.93 -4.23
CA GLU A 158 -11.65 7.91 -5.68
CA GLU A 158 -11.64 7.91 -5.68
C GLU A 158 -11.53 6.49 -6.21
N ALA A 159 -10.60 5.71 -5.67
CA ALA A 159 -10.46 4.31 -6.06
C ALA A 159 -11.73 3.52 -5.76
N MET A 160 -12.31 3.74 -4.58
CA MET A 160 -13.54 3.04 -4.19
CA MET A 160 -13.53 3.05 -4.18
C MET A 160 -14.67 3.37 -5.15
N ASP A 161 -14.82 4.64 -5.48
CA ASP A 161 -15.92 5.04 -6.34
C ASP A 161 -15.81 4.35 -7.70
N ILE A 162 -14.61 4.31 -8.27
CA ILE A 162 -14.43 3.64 -9.55
C ILE A 162 -14.67 2.15 -9.41
N SER A 163 -14.12 1.56 -8.40
CA SER A 163 -14.20 0.08 -8.20
C SER A 163 -15.66 -0.35 -8.06
N LYS A 164 -16.47 0.43 -7.37
CA LYS A 164 -17.85 0.02 -7.19
C LYS A 164 -18.64 0.14 -8.48
N LYS A 165 -18.31 1.11 -9.32
N LYS A 165 -18.28 1.09 -9.33
CA LYS A 165 -19.00 1.23 -10.59
CA LYS A 165 -18.98 1.28 -10.58
C LYS A 165 -18.53 0.18 -11.59
C LYS A 165 -18.51 0.35 -11.68
N GLU A 166 -17.24 -0.08 -11.64
CA GLU A 166 -16.62 -0.75 -12.78
C GLU A 166 -16.18 -2.19 -12.53
N MET A 167 -16.15 -2.68 -11.30
CA MET A 167 -15.64 -4.01 -11.02
C MET A 167 -16.67 -4.80 -10.24
N PRO A 168 -16.66 -6.13 -10.41
CA PRO A 168 -17.55 -6.96 -9.59
C PRO A 168 -17.07 -6.99 -8.15
N PRO A 169 -17.95 -7.32 -7.22
CA PRO A 169 -17.59 -7.28 -5.80
C PRO A 169 -16.54 -8.27 -5.40
N THR A 170 -16.28 -9.26 -6.22
CA THR A 170 -15.21 -10.28 -5.93
C THR A 170 -13.87 -9.89 -6.58
N ASN A 171 -13.80 -8.82 -7.35
CA ASN A 171 -12.54 -8.53 -8.02
C ASN A 171 -11.43 -8.35 -6.98
N PRO A 172 -10.30 -9.04 -7.13
CA PRO A 172 -9.28 -8.97 -6.07
C PRO A 172 -8.73 -7.56 -5.83
N ILE A 173 -8.64 -6.74 -6.87
CA ILE A 173 -8.18 -5.35 -6.66
C ILE A 173 -9.19 -4.61 -5.80
N ARG A 174 -10.46 -4.72 -6.17
CA ARG A 174 -11.52 -4.09 -5.38
C ARG A 174 -11.48 -4.58 -3.94
N LEU A 175 -11.29 -5.88 -3.73
CA LEU A 175 -11.27 -6.42 -2.38
C LEU A 175 -10.08 -5.90 -1.59
N GLY A 176 -8.89 -5.89 -2.19
CA GLY A 176 -7.72 -5.41 -1.48
C GLY A 176 -7.78 -3.93 -1.17
N LEU A 177 -8.36 -3.16 -2.08
CA LEU A 177 -8.62 -1.75 -1.82
C LEU A 177 -9.51 -1.56 -0.61
N ALA A 178 -10.62 -2.30 -0.57
CA ALA A 178 -11.55 -2.19 0.55
C ALA A 178 -10.88 -2.61 1.85
N LEU A 179 -10.12 -3.69 1.81
CA LEU A 179 -9.38 -4.14 2.98
C LEU A 179 -8.46 -3.04 3.50
N ASN A 180 -7.68 -2.44 2.60
CA ASN A 180 -6.72 -1.42 3.02
C ASN A 180 -7.41 -0.15 3.47
N PHE A 181 -8.48 0.26 2.81
CA PHE A 181 -9.22 1.45 3.24
C PHE A 181 -9.84 1.20 4.62
N SER A 182 -10.28 -0.02 4.88
CA SER A 182 -10.80 -0.35 6.20
CA SER A 182 -10.81 -0.36 6.21
C SER A 182 -9.71 -0.23 7.25
N VAL A 183 -8.49 -0.70 6.95
CA VAL A 183 -7.35 -0.52 7.84
C VAL A 183 -7.04 0.95 8.06
N PHE A 184 -7.09 1.75 7.01
CA PHE A 184 -6.96 3.20 7.14
C PHE A 184 -7.96 3.72 8.15
N HIS A 185 -9.25 3.35 8.01
CA HIS A 185 -10.25 3.87 8.94
C HIS A 185 -9.92 3.47 10.37
N TYR A 186 -9.51 2.23 10.59
CA TYR A 186 -9.29 1.74 11.94
C TYR A 186 -8.02 2.33 12.55
N GLU A 187 -6.93 2.35 11.81
CA GLU A 187 -5.60 2.63 12.36
C GLU A 187 -5.20 4.08 12.21
N ILE A 188 -5.70 4.81 11.23
CA ILE A 188 -5.26 6.15 10.91
C ILE A 188 -6.32 7.16 11.26
N ALA A 189 -7.55 6.93 10.83
CA ALA A 189 -8.62 7.91 10.90
C ALA A 189 -9.42 7.82 12.18
N ASN A 190 -9.06 6.98 13.11
CA ASN A 190 -9.81 6.87 14.37
C ASN A 190 -11.29 6.60 14.13
N SER A 191 -11.60 5.74 13.16
CA SER A 191 -12.97 5.44 12.75
C SER A 191 -13.19 3.94 12.74
N PRO A 192 -13.09 3.27 13.90
CA PRO A 192 -13.24 1.82 13.90
C PRO A 192 -14.61 1.36 13.42
N GLU A 193 -15.66 2.11 13.69
CA GLU A 193 -16.96 1.67 13.21
C GLU A 193 -17.03 1.69 11.69
N GLU A 194 -16.47 2.71 11.05
CA GLU A 194 -16.43 2.74 9.59
C GLU A 194 -15.59 1.58 9.05
N ALA A 195 -14.49 1.29 9.71
CA ALA A 195 -13.65 0.18 9.33
C ALA A 195 -14.41 -1.14 9.35
N ILE A 196 -15.13 -1.39 10.44
CA ILE A 196 -15.90 -2.63 10.61
C ILE A 196 -17.01 -2.70 9.58
N SER A 197 -17.75 -1.62 9.40
CA SER A 197 -18.86 -1.62 8.45
CA SER A 197 -18.86 -1.63 8.44
C SER A 197 -18.35 -1.89 7.03
N LEU A 198 -17.26 -1.22 6.64
CA LEU A 198 -16.73 -1.45 5.30
C LEU A 198 -16.25 -2.89 5.14
N ALA A 199 -15.54 -3.42 6.12
CA ALA A 199 -15.09 -4.80 5.95
C ALA A 199 -16.25 -5.77 5.85
N LYS A 200 -17.27 -5.60 6.70
N LYS A 200 -17.30 -5.56 6.64
CA LYS A 200 -18.46 -6.45 6.69
CA LYS A 200 -18.42 -6.50 6.66
C LYS A 200 -19.15 -6.41 5.34
C LYS A 200 -19.23 -6.42 5.36
N THR A 201 -19.52 -5.21 4.89
CA THR A 201 -20.25 -5.07 3.65
C THR A 201 -19.44 -5.63 2.48
N THR A 202 -18.13 -5.37 2.47
CA THR A 202 -17.28 -5.89 1.41
C THR A 202 -17.32 -7.41 1.41
N PHE A 203 -17.13 -8.02 2.58
CA PHE A 203 -17.14 -9.48 2.69
C PHE A 203 -18.47 -10.06 2.20
N ASP A 204 -19.57 -9.47 2.63
CA ASP A 204 -20.90 -10.02 2.33
C ASP A 204 -21.22 -9.88 0.84
N GLU A 205 -20.87 -8.77 0.24
CA GLU A 205 -21.13 -8.59 -1.17
C GLU A 205 -20.26 -9.49 -2.02
N ALA A 206 -19.05 -9.75 -1.58
CA ALA A 206 -18.20 -10.71 -2.28
C ALA A 206 -18.76 -12.13 -2.15
N MET A 207 -19.16 -12.52 -0.95
N MET A 207 -19.15 -12.54 -0.94
CA MET A 207 -19.71 -13.86 -0.75
CA MET A 207 -19.76 -13.86 -0.74
C MET A 207 -20.84 -14.13 -1.73
C MET A 207 -20.83 -14.12 -1.77
N ALA A 208 -21.71 -13.15 -1.94
CA ALA A 208 -22.87 -13.32 -2.79
C ALA A 208 -22.54 -13.43 -4.27
N ASP A 209 -21.33 -13.02 -4.66
CA ASP A 209 -20.87 -13.04 -6.03
C ASP A 209 -19.96 -14.24 -6.34
N LEU A 210 -19.57 -15.03 -5.33
CA LEU A 210 -18.62 -16.12 -5.57
C LEU A 210 -19.15 -17.13 -6.58
N HIS A 211 -20.49 -17.30 -6.65
CA HIS A 211 -21.09 -18.33 -7.48
C HIS A 211 -20.81 -18.09 -8.95
N THR A 212 -20.42 -16.87 -9.32
CA THR A 212 -20.15 -16.53 -10.72
C THR A 212 -18.75 -16.92 -11.17
N LEU A 213 -17.90 -17.37 -10.28
CA LEU A 213 -16.46 -17.45 -10.52
C LEU A 213 -16.02 -18.87 -10.85
N SER A 214 -14.95 -18.95 -11.63
CA SER A 214 -14.22 -20.18 -11.84
C SER A 214 -13.52 -20.59 -10.54
N GLU A 215 -13.03 -21.81 -10.52
CA GLU A 215 -12.30 -22.30 -9.37
C GLU A 215 -11.10 -21.41 -9.05
N ASP A 216 -10.33 -21.02 -10.07
CA ASP A 216 -9.14 -20.22 -9.79
C ASP A 216 -9.51 -18.83 -9.30
N SER A 217 -10.48 -18.20 -9.91
CA SER A 217 -10.93 -16.86 -9.45
C SER A 217 -11.49 -16.98 -8.02
N TYR A 218 -12.20 -18.03 -7.72
CA TYR A 218 -12.77 -18.27 -6.37
C TYR A 218 -11.64 -18.31 -5.35
N LYS A 219 -10.59 -19.03 -5.65
CA LYS A 219 -9.42 -19.07 -4.75
C LYS A 219 -8.85 -17.65 -4.53
N ASP A 220 -8.70 -16.91 -5.59
CA ASP A 220 -8.13 -15.55 -5.46
C ASP A 220 -9.00 -14.69 -4.55
N SER A 221 -10.31 -14.70 -4.79
CA SER A 221 -11.20 -13.82 -4.04
C SER A 221 -11.33 -14.27 -2.59
N THR A 222 -11.48 -15.58 -2.36
CA THR A 222 -11.68 -16.06 -1.00
C THR A 222 -10.44 -15.82 -0.14
N LEU A 223 -9.26 -15.84 -0.74
CA LEU A 223 -8.07 -15.54 0.04
C LEU A 223 -8.17 -14.14 0.66
N ILE A 224 -8.61 -13.16 -0.11
CA ILE A 224 -8.70 -11.80 0.42
C ILE A 224 -9.88 -11.67 1.35
N MET A 225 -10.97 -12.37 1.06
CA MET A 225 -12.10 -12.37 1.97
C MET A 225 -11.68 -12.87 3.35
N GLN A 226 -10.77 -13.85 3.40
CA GLN A 226 -10.33 -14.34 4.70
C GLN A 226 -9.58 -13.26 5.46
N LEU A 227 -8.80 -12.42 4.76
CA LEU A 227 -8.14 -11.30 5.42
C LEU A 227 -9.15 -10.32 6.00
N LEU A 228 -10.23 -10.04 5.28
CA LEU A 228 -11.27 -9.19 5.81
C LEU A 228 -11.84 -9.82 7.09
N ARG A 229 -12.12 -11.11 7.05
CA ARG A 229 -12.65 -11.82 8.22
C ARG A 229 -11.65 -11.80 9.37
N ASP A 230 -10.36 -11.98 9.08
CA ASP A 230 -9.35 -11.93 10.13
C ASP A 230 -9.38 -10.58 10.83
N ASN A 231 -9.47 -9.49 10.06
CA ASN A 231 -9.55 -8.18 10.68
C ASN A 231 -10.81 -8.01 11.49
N LEU A 232 -11.95 -8.43 10.96
CA LEU A 232 -13.18 -8.35 11.70
C LEU A 232 -13.10 -9.11 13.01
N THR A 233 -12.45 -10.27 13.02
CA THR A 233 -12.32 -11.04 14.27
C THR A 233 -11.45 -10.30 15.28
N LEU A 234 -10.39 -9.65 14.81
CA LEU A 234 -9.55 -8.85 15.70
C LEU A 234 -10.28 -7.63 16.23
N TRP A 235 -11.18 -7.04 15.44
CA TRP A 235 -11.77 -5.75 15.78
C TRP A 235 -13.08 -5.88 16.53
N THR A 236 -13.66 -7.07 16.59
CA THR A 236 -14.96 -7.26 17.22
C THR A 236 -14.92 -8.41 18.22
N ALA B 6 -4.47 -5.34 13.04
CA ALA B 6 -5.12 -5.69 11.78
C ALA B 6 -4.13 -5.65 10.64
N GLY B 7 -4.44 -6.38 9.58
CA GLY B 7 -3.56 -6.47 8.44
C GLY B 7 -4.12 -5.87 7.16
N ILE B 9 -3.32 -5.79 2.88
N ILE B 9 -3.32 -5.80 2.89
CA ILE B 9 -2.88 -6.79 1.90
CA ILE B 9 -2.92 -6.85 1.94
C ILE B 9 -1.39 -6.98 2.13
C ILE B 9 -1.40 -7.00 2.07
N PRO B 10 -0.90 -8.22 2.34
CA PRO B 10 0.56 -8.39 2.50
C PRO B 10 1.36 -7.84 1.33
N GLY B 11 1.03 -8.28 0.11
CA GLY B 11 1.56 -7.68 -1.10
C GLY B 11 3.05 -7.78 -1.33
N ARG B 12 3.74 -8.73 -0.70
CA ARG B 12 5.20 -8.81 -0.80
C ARG B 12 5.69 -9.95 -1.70
N ARG B 13 4.80 -10.65 -2.40
CA ARG B 13 5.19 -11.71 -3.32
C ARG B 13 4.39 -11.58 -4.60
N SER B 14 5.06 -11.67 -5.74
CA SER B 14 4.38 -11.53 -7.02
C SER B 14 3.63 -12.82 -7.34
#